data_9HEH
#
_entry.id   9HEH
#
_cell.length_a   41.714
_cell.length_b   67.185
_cell.length_c   53.824
_cell.angle_alpha   90.00
_cell.angle_beta   97.60
_cell.angle_gamma   90.00
#
_symmetry.space_group_name_H-M   'P 1 21 1'
#
loop_
_entity.id
_entity.type
_entity.pdbx_description
1 polymer 'Methyl-accepting chemotaxis protein'
2 non-polymer 'CHOLINE ION'
3 non-polymer GLYCEROL
4 non-polymer 1,2-ETHANEDIOL
5 non-polymer 'SULFATE ION'
6 water water
#
_entity_poly.entity_id   1
_entity_poly.type   'polypeptide(L)'
_entity_poly.pdbx_seq_one_letter_code
;MGSSHHHHHHSSGLVPRGSHMWQSGQQQKTTAQQLLEQTAYTSAYSVQNRLDVALFAARDLVQSVISLREAGAPDRATAE
QLLKNALKSHPDLLSMSLAWEPNAFDGKDQQYVSQPEQDPKGRFVRYVDRDNTGKVALHNLTDYETPGSGDYYLLPRKLQ
KEVILEPYSYPYNGVDVLLTSIAVPIMIDGKFYGSVTADFSLDTLQQMVNGIKPYQGAGYATMLSASGAYIAHPDKTRIS
KKLEGDPPLMDSITAGKPYTRQRFNSFTNAEMMNAYVPVTIGNTGTPWMLGVSVPEQVVMAESVRL
;
_entity_poly.pdbx_strand_id   A
#
loop_
_chem_comp.id
_chem_comp.type
_chem_comp.name
_chem_comp.formula
CHT non-polymer 'CHOLINE ION' 'C5 H14 N O 1'
EDO non-polymer 1,2-ETHANEDIOL 'C2 H6 O2'
GOL non-polymer GLYCEROL 'C3 H8 O3'
SO4 non-polymer 'SULFATE ION' 'O4 S -2'
#
# COMPACT_ATOMS: atom_id res chain seq x y z
N GLN A 23 -8.76 35.80 -21.38
CA GLN A 23 -9.48 34.66 -20.80
CA GLN A 23 -9.50 34.67 -20.82
C GLN A 23 -10.49 35.12 -19.75
N SER A 24 -11.68 34.54 -19.78
CA SER A 24 -12.69 34.81 -18.76
C SER A 24 -12.31 34.13 -17.45
N GLY A 25 -13.01 34.50 -16.37
CA GLY A 25 -12.74 33.90 -15.08
C GLY A 25 -12.91 32.39 -15.06
N GLN A 26 -13.84 31.88 -15.89
CA GLN A 26 -14.02 30.43 -15.98
C GLN A 26 -12.96 29.76 -16.85
N GLN A 27 -12.45 30.46 -17.86
CA GLN A 27 -11.33 29.92 -18.62
C GLN A 27 -10.05 29.88 -17.80
N GLN A 28 -9.81 30.92 -17.00
CA GLN A 28 -8.64 30.92 -16.12
C GLN A 28 -8.75 29.83 -15.06
N LYS A 29 -9.95 29.64 -14.47
CA LYS A 29 -10.16 28.56 -13.52
C LYS A 29 -9.85 27.20 -14.16
N THR A 30 -10.34 26.98 -15.38
CA THR A 30 -10.12 25.70 -16.04
C THR A 30 -8.65 25.45 -16.32
N THR A 31 -7.90 26.47 -16.76
CA THR A 31 -6.50 26.27 -17.07
C THR A 31 -5.70 25.92 -15.83
N ALA A 32 -5.93 26.63 -14.72
CA ALA A 32 -5.25 26.24 -13.49
C ALA A 32 -5.71 24.88 -13.02
N GLN A 33 -7.01 24.60 -13.14
CA GLN A 33 -7.50 23.30 -12.69
C GLN A 33 -6.90 22.17 -13.52
N GLN A 34 -6.72 22.40 -14.83
CA GLN A 34 -6.10 21.36 -15.66
C GLN A 34 -4.64 21.14 -15.29
N LEU A 35 -3.88 22.21 -15.05
CA LEU A 35 -2.49 22.08 -14.63
CA LEU A 35 -2.49 22.06 -14.64
C LEU A 35 -2.40 21.34 -13.30
N LEU A 36 -3.25 21.73 -12.34
CA LEU A 36 -3.23 21.06 -11.04
C LEU A 36 -3.59 19.59 -11.19
N GLU A 37 -4.61 19.28 -11.99
CA GLU A 37 -4.96 17.87 -12.15
C GLU A 37 -3.83 17.07 -12.74
N GLN A 38 -3.03 17.66 -13.65
CA GLN A 38 -1.87 16.95 -14.19
CA GLN A 38 -1.88 16.93 -14.18
C GLN A 38 -0.84 16.67 -13.11
N THR A 39 -0.60 17.65 -12.22
CA THR A 39 0.35 17.44 -11.13
C THR A 39 -0.14 16.35 -10.18
N ALA A 40 -1.45 16.35 -9.89
CA ALA A 40 -1.98 15.31 -9.03
C ALA A 40 -1.87 13.95 -9.69
N TYR A 41 -2.09 13.88 -11.01
CA TYR A 41 -2.00 12.61 -11.72
CA TYR A 41 -2.00 12.59 -11.70
C TYR A 41 -0.58 12.05 -11.66
N THR A 42 0.42 12.88 -11.99
CA THR A 42 1.79 12.37 -11.96
C THR A 42 2.27 12.13 -10.53
N SER A 43 1.71 12.87 -9.57
CA SER A 43 2.06 12.57 -8.17
C SER A 43 1.48 11.23 -7.76
N ALA A 44 0.22 10.99 -8.14
CA ALA A 44 -0.40 9.70 -7.83
C ALA A 44 0.38 8.55 -8.46
N TYR A 45 0.90 8.76 -9.67
CA TYR A 45 1.62 7.68 -10.32
CA TYR A 45 1.61 7.66 -10.31
C TYR A 45 2.94 7.38 -9.64
N SER A 46 3.63 8.42 -9.16
CA SER A 46 4.85 8.21 -8.38
C SER A 46 4.56 7.36 -7.15
N VAL A 47 3.43 7.58 -6.50
CA VAL A 47 3.10 6.71 -5.37
C VAL A 47 2.78 5.31 -5.86
N GLN A 48 2.02 5.21 -6.96
CA GLN A 48 1.74 3.87 -7.51
C GLN A 48 3.04 3.12 -7.81
N ASN A 49 4.06 3.81 -8.33
CA ASN A 49 5.32 3.15 -8.66
C ASN A 49 6.01 2.61 -7.44
N ARG A 50 5.97 3.34 -6.34
CA ARG A 50 6.60 2.85 -5.12
CA ARG A 50 6.60 2.84 -5.13
C ARG A 50 5.78 1.68 -4.54
N LEU A 51 4.45 1.80 -4.55
CA LEU A 51 3.62 0.72 -4.05
C LEU A 51 3.81 -0.52 -4.90
N ASP A 52 4.04 -0.34 -6.21
CA ASP A 52 4.19 -1.47 -7.11
C ASP A 52 5.42 -2.31 -6.80
N VAL A 53 6.41 -1.75 -6.08
CA VAL A 53 7.52 -2.59 -5.61
C VAL A 53 6.99 -3.74 -4.78
N ALA A 54 6.03 -3.47 -3.88
CA ALA A 54 5.46 -4.52 -3.06
C ALA A 54 4.60 -5.45 -3.90
N LEU A 55 3.73 -4.89 -4.74
CA LEU A 55 2.84 -5.68 -5.56
C LEU A 55 3.62 -6.66 -6.43
N PHE A 56 4.65 -6.16 -7.12
CA PHE A 56 5.44 -7.02 -8.01
C PHE A 56 6.26 -8.05 -7.24
N ALA A 57 6.80 -7.66 -6.07
CA ALA A 57 7.54 -8.62 -5.26
C ALA A 57 6.62 -9.75 -4.83
N ALA A 58 5.40 -9.42 -4.39
CA ALA A 58 4.48 -10.46 -3.96
C ALA A 58 4.03 -11.33 -5.14
N ARG A 59 3.66 -10.72 -6.26
CA ARG A 59 3.27 -11.53 -7.43
C ARG A 59 4.41 -12.44 -7.88
N ASP A 60 5.64 -11.93 -7.88
CA ASP A 60 6.75 -12.73 -8.36
C ASP A 60 7.04 -13.91 -7.44
N LEU A 61 6.92 -13.69 -6.13
CA LEU A 61 7.12 -14.80 -5.20
C LEU A 61 6.02 -15.83 -5.34
N VAL A 62 4.76 -15.38 -5.51
CA VAL A 62 3.66 -16.32 -5.73
C VAL A 62 3.95 -17.20 -6.94
N GLN A 63 4.35 -16.60 -8.07
CA GLN A 63 4.69 -17.40 -9.25
CA GLN A 63 4.68 -17.41 -9.24
C GLN A 63 5.82 -18.37 -8.94
N SER A 64 6.83 -17.90 -8.21
CA SER A 64 7.99 -18.74 -7.92
C SER A 64 7.61 -19.96 -7.09
N VAL A 65 6.76 -19.76 -6.07
CA VAL A 65 6.42 -20.90 -5.22
C VAL A 65 5.38 -21.79 -5.89
N ILE A 66 4.57 -21.27 -6.81
CA ILE A 66 3.71 -22.16 -7.58
C ILE A 66 4.55 -23.07 -8.44
N SER A 67 5.60 -22.52 -9.07
CA SER A 67 6.50 -23.33 -9.89
C SER A 67 7.25 -24.34 -9.03
N LEU A 68 7.72 -23.92 -7.86
CA LEU A 68 8.44 -24.83 -6.98
C LEU A 68 7.55 -26.01 -6.60
N ARG A 69 6.30 -25.73 -6.27
CA ARG A 69 5.36 -26.78 -5.91
C ARG A 69 5.05 -27.68 -7.11
N GLU A 70 4.88 -27.08 -8.30
CA GLU A 70 4.58 -27.85 -9.50
CA GLU A 70 4.57 -27.85 -9.50
C GLU A 70 5.69 -28.83 -9.84
N ALA A 71 6.93 -28.52 -9.45
CA ALA A 71 8.03 -29.43 -9.72
C ALA A 71 7.98 -30.68 -8.83
N GLY A 72 7.09 -30.72 -7.85
CA GLY A 72 6.95 -31.90 -7.01
C GLY A 72 7.92 -31.94 -5.86
N ALA A 73 7.50 -32.59 -4.76
CA ALA A 73 8.25 -32.76 -3.53
C ALA A 73 8.96 -31.48 -3.13
N PRO A 74 8.26 -30.35 -3.05
CA PRO A 74 8.96 -29.09 -2.84
C PRO A 74 9.54 -29.01 -1.44
N ASP A 75 10.69 -28.33 -1.34
CA ASP A 75 11.38 -28.17 -0.06
C ASP A 75 10.96 -26.85 0.58
N ARG A 76 10.56 -26.92 1.85
CA ARG A 76 10.31 -25.67 2.58
C ARG A 76 11.54 -24.78 2.61
N ALA A 77 12.74 -25.35 2.77
CA ALA A 77 13.95 -24.53 2.84
C ALA A 77 14.14 -23.72 1.56
N THR A 78 13.77 -24.27 0.41
CA THR A 78 13.91 -23.51 -0.83
C THR A 78 12.90 -22.39 -0.89
N ALA A 79 11.65 -22.67 -0.50
CA ALA A 79 10.64 -21.61 -0.47
C ALA A 79 11.03 -20.50 0.50
N GLU A 80 11.61 -20.89 1.64
CA GLU A 80 12.13 -19.91 2.60
C GLU A 80 13.25 -19.08 2.01
N GLN A 81 14.13 -19.70 1.21
CA GLN A 81 15.18 -18.93 0.58
C GLN A 81 14.61 -17.93 -0.44
N LEU A 82 13.63 -18.37 -1.22
CA LEU A 82 13.00 -17.45 -2.18
C LEU A 82 12.37 -16.28 -1.45
N LEU A 83 11.76 -16.55 -0.30
CA LEU A 83 11.14 -15.49 0.48
C LEU A 83 12.19 -14.52 1.00
N LYS A 84 13.29 -15.05 1.54
CA LYS A 84 14.38 -14.19 2.02
C LYS A 84 14.96 -13.37 0.87
N ASN A 85 15.20 -14.01 -0.29
CA ASN A 85 15.77 -13.30 -1.43
C ASN A 85 14.86 -12.16 -1.86
N ALA A 86 13.54 -12.39 -1.84
CA ALA A 86 12.59 -11.38 -2.26
C ALA A 86 12.67 -10.14 -1.37
N LEU A 87 12.74 -10.34 -0.06
CA LEU A 87 12.89 -9.18 0.82
C LEU A 87 14.25 -8.51 0.62
N LYS A 88 15.31 -9.33 0.50
CA LYS A 88 16.66 -8.76 0.35
C LYS A 88 16.75 -7.87 -0.87
N SER A 89 16.04 -8.22 -1.94
CA SER A 89 16.07 -7.49 -3.20
CA SER A 89 16.13 -7.45 -3.18
C SER A 89 15.40 -6.12 -3.12
N HIS A 90 14.62 -5.84 -2.08
CA HIS A 90 13.78 -4.64 -2.03
C HIS A 90 13.95 -3.95 -0.69
N PRO A 91 15.00 -3.13 -0.55
CA PRO A 91 15.29 -2.49 0.76
C PRO A 91 14.14 -1.68 1.34
N ASP A 92 13.25 -1.13 0.51
CA ASP A 92 12.19 -0.29 1.04
CA ASP A 92 12.15 -0.29 0.96
C ASP A 92 11.04 -1.09 1.65
N LEU A 93 10.96 -2.40 1.39
CA LEU A 93 9.92 -3.21 2.00
C LEU A 93 10.24 -3.46 3.46
N LEU A 94 9.21 -3.41 4.31
CA LEU A 94 9.35 -3.71 5.73
C LEU A 94 9.50 -5.21 5.97
N SER A 95 8.73 -6.01 5.26
CA SER A 95 8.68 -7.45 5.47
C SER A 95 7.93 -8.07 4.31
N MET A 96 7.96 -9.39 4.25
CA MET A 96 7.17 -10.20 3.33
C MET A 96 6.73 -11.45 4.08
N SER A 97 5.63 -12.05 3.62
CA SER A 97 5.15 -13.26 4.27
C SER A 97 4.70 -14.27 3.22
N LEU A 98 4.72 -15.53 3.64
CA LEU A 98 4.32 -16.67 2.80
C LEU A 98 3.58 -17.65 3.70
N ALA A 99 2.29 -17.89 3.40
CA ALA A 99 1.47 -18.70 4.28
C ALA A 99 0.61 -19.62 3.44
N TRP A 100 0.54 -20.89 3.87
CA TRP A 100 -0.18 -21.91 3.13
C TRP A 100 -1.34 -22.48 3.94
N GLU A 101 -2.36 -22.94 3.21
CA GLU A 101 -3.45 -23.71 3.77
C GLU A 101 -2.93 -25.06 4.27
N PRO A 102 -3.72 -25.77 5.09
CA PRO A 102 -3.25 -27.07 5.61
C PRO A 102 -2.86 -28.03 4.50
N ASN A 103 -1.63 -28.55 4.59
CA ASN A 103 -0.99 -29.46 3.63
C ASN A 103 -0.89 -28.92 2.22
N ALA A 104 -1.10 -27.61 2.02
CA ALA A 104 -1.23 -27.12 0.65
C ALA A 104 0.11 -26.88 -0.05
N PHE A 105 1.23 -26.84 0.68
CA PHE A 105 2.53 -26.66 0.02
C PHE A 105 3.11 -28.02 -0.38
N ASP A 106 3.44 -28.85 0.61
CA ASP A 106 4.13 -30.11 0.40
C ASP A 106 3.32 -31.32 0.86
N GLY A 107 2.15 -31.11 1.45
CA GLY A 107 1.34 -32.22 1.97
C GLY A 107 1.94 -32.93 3.15
N LYS A 108 2.88 -32.29 3.86
CA LYS A 108 3.65 -32.96 4.90
C LYS A 108 3.61 -32.23 6.23
N ASP A 109 2.57 -31.42 6.49
CA ASP A 109 2.49 -30.66 7.74
C ASP A 109 2.70 -31.55 8.97
N GLN A 110 2.16 -32.76 8.96
CA GLN A 110 2.23 -33.59 10.16
C GLN A 110 3.68 -33.93 10.52
N GLN A 111 4.61 -33.88 9.57
CA GLN A 111 6.01 -34.16 9.91
C GLN A 111 6.64 -33.07 10.78
N TYR A 112 6.07 -31.88 10.80
CA TYR A 112 6.73 -30.77 11.49
C TYR A 112 6.18 -30.51 12.89
N VAL A 113 5.04 -31.10 13.25
CA VAL A 113 4.39 -30.84 14.52
C VAL A 113 5.34 -31.10 15.70
N SER A 114 6.09 -32.20 15.66
CA SER A 114 6.95 -32.56 16.78
C SER A 114 8.31 -31.87 16.75
N GLN A 115 8.62 -31.08 15.70
CA GLN A 115 9.92 -30.43 15.57
CA GLN A 115 9.92 -30.44 15.60
C GLN A 115 9.92 -29.09 16.33
N PRO A 116 11.08 -28.62 16.79
CA PRO A 116 11.10 -27.35 17.52
C PRO A 116 10.78 -26.17 16.63
N GLU A 117 10.14 -25.17 17.25
CA GLU A 117 9.95 -23.86 16.61
C GLU A 117 9.19 -24.00 15.29
N GLN A 118 8.19 -24.88 15.29
CA GLN A 118 7.26 -24.99 14.18
C GLN A 118 5.89 -24.54 14.63
N ASP A 119 5.02 -24.31 13.63
CA ASP A 119 3.62 -24.11 13.90
C ASP A 119 3.04 -25.33 14.63
N PRO A 120 2.09 -25.12 15.54
CA PRO A 120 1.58 -26.25 16.34
C PRO A 120 0.97 -27.38 15.52
N LYS A 121 0.44 -27.09 14.33
CA LYS A 121 -0.06 -28.13 13.44
C LYS A 121 0.80 -28.31 12.21
N GLY A 122 2.02 -27.79 12.22
CA GLY A 122 2.94 -28.03 11.12
C GLY A 122 2.65 -27.20 9.89
N ARG A 123 1.79 -26.19 9.99
CA ARG A 123 1.50 -25.33 8.84
C ARG A 123 2.78 -24.66 8.34
N PHE A 124 2.85 -24.39 7.02
CA PHE A 124 3.98 -23.68 6.43
C PHE A 124 3.60 -22.21 6.39
N VAL A 125 4.03 -21.48 7.43
CA VAL A 125 3.56 -20.11 7.67
C VAL A 125 4.74 -19.28 8.15
N ARG A 126 5.30 -18.44 7.27
CA ARG A 126 6.57 -17.77 7.52
C ARG A 126 6.49 -16.30 7.15
N TYR A 127 7.33 -15.49 7.79
CA TYR A 127 7.56 -14.16 7.25
C TYR A 127 9.03 -13.80 7.47
N VAL A 128 9.47 -12.74 6.78
CA VAL A 128 10.84 -12.25 6.89
C VAL A 128 10.81 -10.77 7.22
N ASP A 129 11.74 -10.35 8.05
CA ASP A 129 11.96 -8.93 8.30
C ASP A 129 13.46 -8.71 8.32
N ARG A 130 13.90 -7.51 8.70
CA ARG A 130 15.32 -7.25 8.89
C ARG A 130 15.57 -6.89 10.34
N ASP A 131 16.75 -7.27 10.82
CA ASP A 131 17.16 -6.91 12.16
C ASP A 131 17.89 -5.57 12.13
N ASN A 132 18.45 -5.16 13.27
CA ASN A 132 19.04 -3.84 13.36
C ASN A 132 20.34 -3.71 12.58
N THR A 133 20.86 -4.81 12.05
CA THR A 133 22.01 -4.75 11.14
C THR A 133 21.60 -4.80 9.67
N GLY A 134 20.31 -4.93 9.36
CA GLY A 134 19.87 -5.06 7.99
C GLY A 134 19.86 -6.48 7.47
N LYS A 135 20.18 -7.46 8.32
CA LYS A 135 20.17 -8.85 7.91
C LYS A 135 18.75 -9.35 7.89
N VAL A 136 18.39 -10.06 6.82
CA VAL A 136 17.06 -10.64 6.72
C VAL A 136 16.94 -11.80 7.70
N ALA A 137 15.82 -11.82 8.46
CA ALA A 137 15.57 -12.83 9.47
C ALA A 137 14.23 -13.53 9.21
N LEU A 138 14.22 -14.83 9.40
CA LEU A 138 13.04 -15.67 9.13
C LEU A 138 12.32 -15.98 10.43
N HIS A 139 10.98 -15.95 10.38
CA HIS A 139 10.13 -16.10 11.54
C HIS A 139 8.89 -16.91 11.17
N ASN A 140 8.28 -17.55 12.18
CA ASN A 140 6.94 -18.13 11.99
C ASN A 140 5.86 -17.08 12.13
N LEU A 141 4.87 -17.14 11.25
CA LEU A 141 3.64 -16.41 11.49
C LEU A 141 2.86 -17.08 12.61
N THR A 142 2.27 -16.28 13.51
CA THR A 142 1.52 -16.85 14.62
C THR A 142 0.08 -16.39 14.72
N ASP A 143 -0.33 -15.38 13.95
CA ASP A 143 -1.66 -14.80 14.08
C ASP A 143 -2.44 -14.87 12.78
N TYR A 144 -2.00 -15.71 11.85
CA TYR A 144 -2.55 -15.72 10.49
C TYR A 144 -4.00 -16.20 10.44
N GLU A 145 -4.53 -16.84 11.48
CA GLU A 145 -5.94 -17.17 11.51
C GLU A 145 -6.69 -16.49 12.66
N THR A 146 -6.13 -15.40 13.18
CA THR A 146 -6.78 -14.65 14.25
C THR A 146 -7.55 -13.52 13.62
N PRO A 147 -8.87 -13.45 13.80
CA PRO A 147 -9.63 -12.34 13.20
C PRO A 147 -9.07 -11.01 13.70
N GLY A 148 -8.94 -10.04 12.78
CA GLY A 148 -8.33 -8.78 13.11
C GLY A 148 -6.86 -8.76 12.74
N SER A 149 -6.00 -9.13 13.70
CA SER A 149 -4.57 -9.12 13.45
C SER A 149 -4.19 -9.99 12.26
N GLY A 150 -4.92 -11.08 12.01
CA GLY A 150 -4.63 -11.96 10.91
C GLY A 150 -5.33 -11.63 9.61
N ASP A 151 -5.92 -10.45 9.48
CA ASP A 151 -6.64 -10.11 8.25
C ASP A 151 -5.74 -10.13 7.03
N TYR A 152 -4.42 -9.90 7.20
CA TYR A 152 -3.49 -9.99 6.08
C TYR A 152 -3.55 -11.33 5.37
N TYR A 153 -3.94 -12.38 6.09
CA TYR A 153 -4.17 -13.69 5.52
C TYR A 153 -5.66 -14.00 5.36
N LEU A 154 -6.47 -13.68 6.38
CA LEU A 154 -7.90 -14.05 6.34
C LEU A 154 -8.65 -13.33 5.22
N LEU A 155 -8.28 -12.08 4.91
CA LEU A 155 -9.01 -11.39 3.84
C LEU A 155 -8.71 -11.95 2.46
N PRO A 156 -7.46 -12.18 2.06
CA PRO A 156 -7.29 -12.83 0.74
C PRO A 156 -7.86 -14.23 0.69
N ARG A 157 -7.86 -14.95 1.82
CA ARG A 157 -8.49 -16.28 1.83
C ARG A 157 -9.99 -16.19 1.57
N LYS A 158 -10.65 -15.20 2.16
CA LYS A 158 -12.09 -15.06 2.02
CA LYS A 158 -12.09 -15.07 2.03
C LYS A 158 -12.47 -14.46 0.67
N LEU A 159 -11.77 -13.41 0.26
CA LEU A 159 -12.10 -12.70 -0.96
C LEU A 159 -11.49 -13.31 -2.21
N GLN A 160 -10.40 -14.08 -2.08
CA GLN A 160 -9.75 -14.81 -3.17
C GLN A 160 -9.31 -13.89 -4.30
N LYS A 161 -8.65 -12.80 -3.93
CA LYS A 161 -8.17 -11.79 -4.86
C LYS A 161 -7.10 -11.00 -4.13
N GLU A 162 -6.39 -10.15 -4.89
CA GLU A 162 -5.42 -9.23 -4.31
C GLU A 162 -6.13 -8.27 -3.36
N VAL A 163 -5.47 -7.95 -2.24
CA VAL A 163 -6.05 -7.10 -1.21
C VAL A 163 -4.97 -6.13 -0.75
N ILE A 164 -5.34 -4.88 -0.49
CA ILE A 164 -4.46 -3.98 0.26
C ILE A 164 -5.11 -3.69 1.60
N LEU A 165 -4.36 -3.90 2.68
CA LEU A 165 -4.91 -3.83 4.02
C LEU A 165 -4.89 -2.42 4.58
N GLU A 166 -5.91 -2.10 5.37
CA GLU A 166 -5.89 -0.90 6.16
C GLU A 166 -4.75 -0.98 7.18
N PRO A 167 -4.21 0.15 7.60
CA PRO A 167 -3.01 0.12 8.47
C PRO A 167 -3.28 -0.63 9.76
N TYR A 168 -2.27 -1.40 10.18
CA TYR A 168 -2.32 -2.13 11.43
C TYR A 168 -0.89 -2.21 11.95
N SER A 169 -0.74 -2.58 13.22
CA SER A 169 0.58 -2.59 13.82
C SER A 169 1.00 -4.01 14.20
N TYR A 170 2.30 -4.25 14.18
CA TYR A 170 2.85 -5.54 14.56
C TYR A 170 4.28 -5.33 15.05
N PRO A 171 4.78 -6.18 15.96
CA PRO A 171 6.13 -5.94 16.52
C PRO A 171 7.23 -6.40 15.58
N TYR A 172 8.25 -5.56 15.44
CA TYR A 172 9.51 -5.88 14.76
C TYR A 172 10.65 -5.40 15.64
N ASN A 173 11.60 -6.28 15.92
CA ASN A 173 12.78 -5.92 16.71
C ASN A 173 12.39 -5.21 18.00
N GLY A 174 11.33 -5.68 18.64
CA GLY A 174 10.93 -5.20 19.95
C GLY A 174 10.10 -3.94 19.99
N VAL A 175 9.69 -3.39 18.83
CA VAL A 175 8.87 -2.20 18.79
C VAL A 175 7.68 -2.41 17.86
N ASP A 176 6.59 -1.71 18.15
CA ASP A 176 5.39 -1.81 17.30
C ASP A 176 5.57 -0.91 16.08
N VAL A 177 5.43 -1.49 14.89
CA VAL A 177 5.53 -0.76 13.63
C VAL A 177 4.15 -0.75 12.98
N LEU A 178 3.67 0.45 12.65
CA LEU A 178 2.43 0.63 11.90
C LEU A 178 2.70 0.39 10.41
N LEU A 179 1.92 -0.52 9.79
CA LEU A 179 2.24 -1.01 8.45
C LEU A 179 0.97 -1.20 7.62
N THR A 180 1.16 -1.36 6.32
CA THR A 180 0.14 -1.95 5.45
C THR A 180 0.75 -3.16 4.74
N SER A 181 -0.13 -3.98 4.17
CA SER A 181 0.27 -5.18 3.45
C SER A 181 -0.48 -5.21 2.14
N ILE A 182 0.22 -5.57 1.08
CA ILE A 182 -0.44 -5.94 -0.17
C ILE A 182 -0.37 -7.45 -0.24
N ALA A 183 -1.53 -8.10 -0.33
CA ALA A 183 -1.62 -9.56 -0.30
C ALA A 183 -1.99 -10.09 -1.67
N VAL A 184 -1.27 -11.11 -2.11
CA VAL A 184 -1.53 -11.75 -3.40
C VAL A 184 -1.83 -13.21 -3.12
N PRO A 185 -3.04 -13.69 -3.37
CA PRO A 185 -3.35 -15.08 -3.08
C PRO A 185 -2.64 -16.03 -4.03
N ILE A 186 -2.34 -17.22 -3.51
CA ILE A 186 -1.75 -18.30 -4.30
C ILE A 186 -2.93 -19.09 -4.83
N MET A 187 -3.37 -18.75 -6.05
CA MET A 187 -4.50 -19.41 -6.68
C MET A 187 -4.01 -20.42 -7.72
N ILE A 188 -4.56 -21.62 -7.65
CA ILE A 188 -4.25 -22.69 -8.60
C ILE A 188 -5.58 -23.30 -9.01
N ASP A 189 -5.87 -23.27 -10.31
CA ASP A 189 -7.14 -23.78 -10.85
CA ASP A 189 -7.13 -23.76 -10.87
C ASP A 189 -8.33 -23.20 -10.09
N GLY A 190 -8.25 -21.93 -9.71
CA GLY A 190 -9.34 -21.25 -9.06
C GLY A 190 -9.56 -21.63 -7.60
N LYS A 191 -8.60 -22.29 -6.96
CA LYS A 191 -8.69 -22.61 -5.54
CA LYS A 191 -8.70 -22.58 -5.54
C LYS A 191 -7.56 -21.91 -4.79
N PHE A 192 -7.82 -21.58 -3.54
CA PHE A 192 -6.90 -20.81 -2.70
C PHE A 192 -5.97 -21.78 -1.96
N TYR A 193 -4.66 -21.66 -2.21
CA TYR A 193 -3.72 -22.53 -1.51
C TYR A 193 -2.92 -21.82 -0.43
N GLY A 194 -2.98 -20.49 -0.39
CA GLY A 194 -2.16 -19.72 0.51
C GLY A 194 -2.08 -18.32 -0.03
N SER A 195 -1.17 -17.55 0.54
CA SER A 195 -1.09 -16.15 0.16
C SER A 195 0.26 -15.60 0.55
N VAL A 196 0.67 -14.55 -0.17
CA VAL A 196 1.93 -13.84 0.03
C VAL A 196 1.61 -12.39 0.32
N THR A 197 2.28 -11.79 1.29
CA THR A 197 2.22 -10.34 1.40
C THR A 197 3.60 -9.73 1.18
N ALA A 198 3.58 -8.49 0.69
CA ALA A 198 4.71 -7.60 0.79
C ALA A 198 4.23 -6.36 1.55
N ASP A 199 5.03 -5.91 2.52
CA ASP A 199 4.58 -4.95 3.52
C ASP A 199 5.41 -3.66 3.47
N PHE A 200 4.74 -2.53 3.71
CA PHE A 200 5.39 -1.24 3.89
C PHE A 200 5.09 -0.69 5.27
N SER A 201 6.09 -0.13 5.94
CA SER A 201 5.75 0.68 7.08
C SER A 201 5.07 1.97 6.62
N LEU A 202 4.19 2.50 7.47
CA LEU A 202 3.61 3.80 7.11
CA LEU A 202 3.59 3.81 7.21
C LEU A 202 4.65 4.90 7.20
N ASP A 203 5.75 4.71 7.94
CA ASP A 203 6.81 5.71 7.88
C ASP A 203 7.39 5.81 6.48
N THR A 204 7.60 4.66 5.83
CA THR A 204 8.08 4.67 4.44
C THR A 204 7.09 5.36 3.52
N LEU A 205 5.80 5.06 3.69
CA LEU A 205 4.79 5.69 2.84
C LEU A 205 4.71 7.19 3.09
N GLN A 206 4.85 7.63 4.35
CA GLN A 206 4.86 9.07 4.62
CA GLN A 206 4.86 9.07 4.61
C GLN A 206 6.07 9.74 3.98
N GLN A 207 7.24 9.09 4.06
CA GLN A 207 8.44 9.62 3.40
C GLN A 207 8.19 9.87 1.93
N MET A 208 7.57 8.90 1.26
CA MET A 208 7.28 9.01 -0.16
C MET A 208 6.33 10.17 -0.46
N VAL A 209 5.30 10.37 0.37
CA VAL A 209 4.30 11.40 0.07
C VAL A 209 4.78 12.77 0.51
N ASN A 210 5.24 12.87 1.77
CA ASN A 210 5.75 14.13 2.30
C ASN A 210 6.87 14.69 1.44
N GLY A 211 7.57 13.83 0.69
CA GLY A 211 8.63 14.25 -0.19
C GLY A 211 8.21 14.72 -1.56
N ILE A 212 6.96 14.48 -1.98
CA ILE A 212 6.48 14.94 -3.27
C ILE A 212 6.67 16.45 -3.42
N LYS A 213 6.26 17.18 -2.40
CA LYS A 213 6.46 18.64 -2.31
C LYS A 213 5.97 19.32 -3.60
N PRO A 214 4.67 19.21 -3.89
CA PRO A 214 4.14 19.82 -5.11
C PRO A 214 4.46 21.31 -5.16
N TYR A 215 4.75 21.79 -6.38
CA TYR A 215 5.07 23.19 -6.63
C TYR A 215 6.21 23.66 -5.74
N GLN A 216 7.26 22.83 -5.68
CA GLN A 216 8.48 23.15 -4.95
C GLN A 216 8.19 23.51 -3.50
N GLY A 217 7.24 22.79 -2.91
CA GLY A 217 6.88 22.98 -1.52
C GLY A 217 5.88 24.08 -1.26
N ALA A 218 5.38 24.74 -2.30
CA ALA A 218 4.35 25.76 -2.12
C ALA A 218 2.98 25.14 -1.87
N GLY A 219 2.84 23.84 -2.19
CA GLY A 219 1.66 23.07 -1.82
C GLY A 219 2.11 21.84 -1.05
N TYR A 220 1.13 21.00 -0.73
CA TYR A 220 1.49 19.76 -0.07
C TYR A 220 0.61 18.64 -0.56
N ALA A 221 1.12 17.42 -0.39
CA ALA A 221 0.41 16.23 -0.80
C ALA A 221 -0.09 15.49 0.45
N THR A 222 -1.20 14.76 0.27
CA THR A 222 -1.79 13.92 1.30
C THR A 222 -2.18 12.60 0.68
N MET A 223 -2.30 11.56 1.50
CA MET A 223 -2.78 10.28 0.98
C MET A 223 -3.77 9.67 1.95
N LEU A 224 -4.83 9.08 1.41
CA LEU A 224 -5.83 8.39 2.22
C LEU A 224 -6.04 6.97 1.69
N SER A 225 -6.39 6.07 2.61
CA SER A 225 -6.67 4.69 2.23
C SER A 225 -8.07 4.56 1.61
N ALA A 226 -8.37 3.34 1.14
CA ALA A 226 -9.67 3.10 0.53
C ALA A 226 -10.82 3.30 1.52
N SER A 227 -10.55 3.19 2.82
CA SER A 227 -11.52 3.43 3.87
C SER A 227 -11.54 4.88 4.35
N GLY A 228 -10.71 5.74 3.79
CA GLY A 228 -10.65 7.12 4.24
C GLY A 228 -9.75 7.40 5.42
N ALA A 229 -8.84 6.48 5.77
CA ALA A 229 -7.86 6.72 6.81
C ALA A 229 -6.65 7.48 6.25
N TYR A 230 -6.16 8.45 7.01
CA TYR A 230 -4.95 9.17 6.59
C TYR A 230 -3.73 8.27 6.62
N ILE A 231 -3.05 8.21 5.48
CA ILE A 231 -1.78 7.51 5.35
C ILE A 231 -0.61 8.47 5.45
N ALA A 232 -0.77 9.65 4.86
CA ALA A 232 0.23 10.69 4.89
C ALA A 232 -0.46 12.04 4.93
N HIS A 233 0.05 12.89 5.78
CA HIS A 233 -0.52 14.18 6.01
C HIS A 233 0.53 15.00 6.74
N PRO A 234 0.63 16.30 6.52
CA PRO A 234 1.61 17.09 7.29
C PRO A 234 1.44 16.94 8.80
N ASP A 235 0.21 16.76 9.25
CA ASP A 235 -0.09 16.55 10.67
C ASP A 235 0.09 15.07 10.98
N LYS A 236 1.24 14.70 11.55
CA LYS A 236 1.47 13.28 11.83
CA LYS A 236 1.50 13.29 11.85
C LYS A 236 0.59 12.73 12.93
N THR A 237 -0.13 13.58 13.66
CA THR A 237 -1.09 13.06 14.63
C THR A 237 -2.31 12.44 13.97
N ARG A 238 -2.54 12.70 12.68
CA ARG A 238 -3.68 12.16 11.95
C ARG A 238 -3.44 10.78 11.36
N ILE A 239 -2.20 10.31 11.31
CA ILE A 239 -1.89 9.07 10.60
C ILE A 239 -2.72 7.93 11.16
N SER A 240 -3.47 7.25 10.28
CA SER A 240 -4.36 6.12 10.51
C SER A 240 -5.73 6.55 11.04
N LYS A 241 -5.96 7.83 11.34
CA LYS A 241 -7.28 8.32 11.70
C LYS A 241 -8.13 8.50 10.44
N LYS A 242 -9.45 8.46 10.62
CA LYS A 242 -10.39 8.52 9.51
CA LYS A 242 -10.35 8.52 9.49
C LYS A 242 -10.66 9.96 9.10
N LEU A 243 -10.88 10.16 7.80
CA LEU A 243 -11.37 11.43 7.29
C LEU A 243 -12.76 11.69 7.85
N GLU A 244 -13.01 12.93 8.28
CA GLU A 244 -14.29 13.31 8.83
CA GLU A 244 -14.27 13.34 8.87
C GLU A 244 -14.72 14.65 8.26
N GLY A 245 -16.04 14.80 8.10
CA GLY A 245 -16.62 16.06 7.68
C GLY A 245 -16.32 16.48 6.26
N ASP A 246 -16.19 15.52 5.34
CA ASP A 246 -15.96 15.82 3.92
C ASP A 246 -16.65 14.77 3.08
N PRO A 247 -17.98 14.80 3.00
CA PRO A 247 -18.72 13.78 2.24
C PRO A 247 -18.32 13.70 0.78
N PRO A 248 -18.13 14.83 0.07
CA PRO A 248 -17.73 14.70 -1.35
C PRO A 248 -16.42 13.97 -1.54
N LEU A 249 -15.42 14.24 -0.69
CA LEU A 249 -14.15 13.53 -0.83
C LEU A 249 -14.30 12.08 -0.45
N MET A 250 -15.00 11.80 0.66
CA MET A 250 -15.16 10.41 1.06
C MET A 250 -15.90 9.62 -0.01
N ASP A 251 -16.92 10.22 -0.62
CA ASP A 251 -17.63 9.50 -1.67
C ASP A 251 -16.72 9.22 -2.87
N SER A 252 -15.84 10.18 -3.20
CA SER A 252 -14.90 9.98 -4.29
C SER A 252 -13.93 8.84 -4.00
N ILE A 253 -13.47 8.74 -2.74
CA ILE A 253 -12.59 7.64 -2.36
C ILE A 253 -13.30 6.31 -2.50
N THR A 254 -14.56 6.25 -2.02
CA THR A 254 -15.32 5.01 -2.12
C THR A 254 -15.51 4.58 -3.57
N ALA A 255 -15.77 5.54 -4.46
CA ALA A 255 -16.00 5.23 -5.86
C ALA A 255 -14.70 5.19 -6.67
N GLY A 256 -13.56 5.53 -6.09
CA GLY A 256 -12.32 5.52 -6.84
C GLY A 256 -12.31 6.53 -7.98
N LYS A 257 -12.92 7.71 -7.76
CA LYS A 257 -12.97 8.71 -8.79
C LYS A 257 -12.12 9.91 -8.40
N PRO A 258 -11.51 10.58 -9.38
CA PRO A 258 -10.84 11.86 -9.10
C PRO A 258 -11.84 12.90 -8.64
N TYR A 259 -11.34 13.87 -7.89
CA TYR A 259 -12.18 14.90 -7.30
C TYR A 259 -11.38 16.19 -7.22
N THR A 260 -11.92 17.28 -7.77
CA THR A 260 -11.26 18.57 -7.73
C THR A 260 -12.19 19.60 -7.12
N ARG A 261 -11.64 20.51 -6.34
CA ARG A 261 -12.47 21.55 -5.77
C ARG A 261 -11.63 22.78 -5.55
N GLN A 262 -12.27 23.94 -5.69
CA GLN A 262 -11.59 25.19 -5.48
C GLN A 262 -12.53 26.10 -4.73
N ARG A 263 -12.02 26.81 -3.74
CA ARG A 263 -12.87 27.74 -3.02
CA ARG A 263 -12.87 27.72 -3.00
C ARG A 263 -12.00 28.74 -2.29
N PHE A 264 -12.60 29.87 -1.96
CA PHE A 264 -11.92 30.81 -1.08
C PHE A 264 -12.10 30.33 0.35
N ASN A 265 -10.99 30.10 1.04
CA ASN A 265 -11.03 29.66 2.42
C ASN A 265 -11.11 30.89 3.31
N SER A 266 -12.27 31.10 3.95
CA SER A 266 -12.47 32.32 4.73
CA SER A 266 -12.49 32.30 4.75
C SER A 266 -11.72 32.27 6.05
N PHE A 267 -11.28 31.08 6.47
CA PHE A 267 -10.46 30.96 7.67
C PHE A 267 -9.02 31.38 7.40
N THR A 268 -8.46 30.96 6.26
CA THR A 268 -7.07 31.24 5.95
C THR A 268 -6.90 32.39 4.97
N ASN A 269 -7.99 32.91 4.40
CA ASN A 269 -7.95 34.08 3.49
C ASN A 269 -7.13 33.79 2.24
N ALA A 270 -7.27 32.57 1.70
CA ALA A 270 -6.58 32.19 0.49
C ALA A 270 -7.54 31.43 -0.41
N GLU A 271 -7.47 31.69 -1.71
CA GLU A 271 -8.17 30.89 -2.70
C GLU A 271 -7.42 29.56 -2.84
N MET A 272 -8.05 28.48 -2.43
CA MET A 272 -7.39 27.20 -2.29
C MET A 272 -7.90 26.21 -3.31
N MET A 273 -6.99 25.42 -3.86
CA MET A 273 -7.33 24.33 -4.77
C MET A 273 -6.97 22.99 -4.15
N ASN A 274 -7.82 22.00 -4.42
CA ASN A 274 -7.53 20.63 -4.00
C ASN A 274 -7.83 19.70 -5.17
N ALA A 275 -6.91 18.81 -5.50
CA ALA A 275 -7.11 17.84 -6.58
C ALA A 275 -6.70 16.48 -6.06
N TYR A 276 -7.60 15.51 -6.20
CA TYR A 276 -7.41 14.17 -5.69
C TYR A 276 -7.46 13.21 -6.86
N VAL A 277 -6.57 12.24 -6.87
CA VAL A 277 -6.51 11.24 -7.94
C VAL A 277 -6.35 9.87 -7.29
N PRO A 278 -7.15 8.89 -7.67
CA PRO A 278 -6.97 7.55 -7.10
C PRO A 278 -5.61 6.96 -7.42
N VAL A 279 -5.09 6.19 -6.47
CA VAL A 279 -3.86 5.43 -6.63
C VAL A 279 -4.26 3.97 -6.84
N THR A 280 -4.04 3.46 -8.06
CA THR A 280 -4.42 2.10 -8.41
C THR A 280 -3.43 1.09 -7.82
N ILE A 281 -3.96 0.07 -7.14
CA ILE A 281 -3.12 -0.94 -6.52
C ILE A 281 -3.48 -2.27 -7.15
N GLY A 282 -2.68 -2.69 -8.14
CA GLY A 282 -2.82 -3.99 -8.77
C GLY A 282 -4.24 -4.28 -9.21
N ASN A 283 -4.72 -5.47 -8.89
CA ASN A 283 -6.10 -5.83 -9.19
C ASN A 283 -6.96 -5.87 -7.94
N THR A 284 -6.61 -5.06 -6.94
CA THR A 284 -7.40 -5.04 -5.72
C THR A 284 -8.77 -4.45 -5.95
N GLY A 285 -8.88 -3.53 -6.90
CA GLY A 285 -10.13 -2.80 -7.06
C GLY A 285 -10.47 -1.88 -5.92
N THR A 286 -9.53 -1.61 -5.01
CA THR A 286 -9.77 -0.73 -3.87
C THR A 286 -8.71 0.34 -3.85
N PRO A 287 -8.77 1.31 -4.75
CA PRO A 287 -7.70 2.29 -4.86
C PRO A 287 -7.60 3.20 -3.64
N TRP A 288 -6.37 3.61 -3.35
CA TRP A 288 -6.14 4.65 -2.36
C TRP A 288 -6.32 5.99 -3.05
N MET A 289 -6.01 7.09 -2.37
CA MET A 289 -6.31 8.40 -2.93
C MET A 289 -5.22 9.39 -2.58
N LEU A 290 -4.63 10.05 -3.58
CA LEU A 290 -3.59 11.06 -3.36
CA LEU A 290 -3.61 11.06 -3.34
C LEU A 290 -4.18 12.44 -3.63
N GLY A 291 -3.95 13.37 -2.70
CA GLY A 291 -4.41 14.73 -2.88
C GLY A 291 -3.25 15.70 -2.97
N VAL A 292 -3.45 16.78 -3.72
CA VAL A 292 -2.56 17.92 -3.72
C VAL A 292 -3.37 19.15 -3.34
N SER A 293 -2.88 19.88 -2.35
CA SER A 293 -3.50 21.11 -1.87
C SER A 293 -2.55 22.26 -2.15
N VAL A 294 -3.06 23.31 -2.80
CA VAL A 294 -2.17 24.38 -3.24
C VAL A 294 -3.00 25.62 -3.51
N PRO A 295 -2.50 26.82 -3.20
CA PRO A 295 -3.25 28.03 -3.54
C PRO A 295 -3.34 28.20 -5.05
N GLU A 296 -4.49 28.73 -5.49
CA GLU A 296 -4.66 29.06 -6.90
C GLU A 296 -3.56 29.97 -7.41
N GLN A 297 -3.13 30.94 -6.59
CA GLN A 297 -2.12 31.88 -7.06
C GLN A 297 -0.85 31.14 -7.47
N VAL A 298 -0.48 30.12 -6.69
CA VAL A 298 0.73 29.35 -6.96
C VAL A 298 0.63 28.64 -8.31
N VAL A 299 -0.55 28.07 -8.59
CA VAL A 299 -0.74 27.37 -9.86
C VAL A 299 -0.80 28.36 -11.02
N MET A 300 -1.46 29.51 -10.83
CA MET A 300 -1.48 30.53 -11.87
C MET A 300 -0.08 31.01 -12.20
N ALA A 301 0.75 31.24 -11.18
CA ALA A 301 2.12 31.68 -11.43
C ALA A 301 2.91 30.63 -12.19
N GLU A 302 2.66 29.34 -11.91
CA GLU A 302 3.32 28.29 -12.68
CA GLU A 302 3.33 28.31 -12.68
C GLU A 302 2.80 28.22 -14.10
N SER A 303 1.51 28.52 -14.31
CA SER A 303 0.98 28.55 -15.67
C SER A 303 1.67 29.63 -16.49
N VAL A 304 2.16 30.68 -15.82
CA VAL A 304 2.94 31.73 -16.49
C VAL A 304 4.36 31.26 -16.76
N ARG A 305 5.04 30.77 -15.71
CA ARG A 305 6.43 30.33 -15.84
CA ARG A 305 6.42 30.32 -15.84
C ARG A 305 6.60 29.32 -16.96
N LEU A 306 5.52 28.71 -17.44
CA LEU A 306 5.51 27.78 -18.56
C LEU A 306 6.31 28.32 -19.75
C4 CHT B . 2.54 -9.64 7.17
C5 CHT B . 2.16 -10.28 8.50
C6 CHT B . 2.19 -10.25 10.98
C7 CHT B . 4.27 -10.31 9.75
C8 CHT B . 2.94 -8.29 9.73
O6 CHT B . 3.87 -9.97 6.78
N1 CHT B . 2.89 -9.80 9.74
C1 GOL C . -2.54 6.09 -10.34
O1 GOL C . -2.24 4.81 -9.80
C2 GOL C . -3.71 5.98 -11.28
O2 GOL C . -4.85 5.56 -10.57
C3 GOL C . -4.00 7.36 -11.86
O3 GOL C . -5.00 7.19 -12.86
C1 EDO D . -12.81 26.88 5.37
O1 EDO D . -13.51 25.67 5.24
C2 EDO D . -13.72 28.06 5.63
O2 EDO D . -13.98 28.80 4.45
C1 EDO E . -7.00 20.56 8.30
O1 EDO E . -5.66 20.86 7.99
C2 EDO E . -7.59 19.68 7.23
O2 EDO E . -8.82 19.17 7.69
C1 GOL F . -7.52 23.82 1.62
O1 GOL F . -7.04 23.46 2.89
C2 GOL F . -9.03 23.85 1.68
O2 GOL F . -9.52 23.08 2.75
C3 GOL F . -9.55 25.25 1.71
O3 GOL F . -10.36 25.36 0.57
S SO4 G . 12.29 -29.25 4.06
O1 SO4 G . 11.77 -29.04 5.46
O2 SO4 G . 13.14 -28.07 3.64
O3 SO4 G . 13.17 -30.48 4.00
O4 SO4 G . 11.12 -29.41 3.11
#